data_8XJ3
#
_entry.id   8XJ3
#
_cell.length_a   55.413
_cell.length_b   62.760
_cell.length_c   131.419
_cell.angle_alpha   90.00
_cell.angle_beta   90.00
_cell.angle_gamma   90.00
#
_symmetry.space_group_name_H-M   'P 21 21 21'
#
loop_
_entity.id
_entity.type
_entity.pdbx_description
1 polymer CbiL
2 water water
#
_entity_poly.entity_id   1
_entity_poly.type   'polypeptide(L)'
_entity_poly.pdbx_seq_one_letter_code
;MGSSHHHHHHSSGLVPRGSHMASPGKFYGVGIGPGNPEYLTLKAVNVFRSVDVVFTVTGPNSDFSISEAVVRSVGGVKAE
FRKLVFSMSRDARTRQEQIEKNTAIIEGVLSRGLDCAFATLGDAMTYSTFGYILSLLLSRNPGLHAEVVPGVTSFCTLAA
RSRQILVENGERLRVIPAFKPEMADSLEFPPGTTTVLMKTYRSRARLMERIRREKDIRVIYGERLGMPDEFITDDIHVID
ARPEEYLSLMFVKKA
;
_entity_poly.pdbx_strand_id   A,B
#
# COMPACT_ATOMS: atom_id res chain seq x y z
N VAL A 15 -19.31 -19.89 42.96
CA VAL A 15 -19.70 -18.50 43.19
C VAL A 15 -19.82 -17.77 41.86
N PRO A 16 -20.96 -17.14 41.62
CA PRO A 16 -21.16 -16.40 40.36
C PRO A 16 -20.17 -15.25 40.21
N ARG A 17 -19.82 -14.97 38.96
CA ARG A 17 -18.76 -14.01 38.66
C ARG A 17 -19.10 -12.61 39.14
N GLY A 18 -20.33 -12.16 38.90
CA GLY A 18 -20.72 -10.79 39.16
C GLY A 18 -20.75 -9.97 37.90
N SER A 19 -21.13 -8.71 38.07
CA SER A 19 -21.42 -7.79 36.96
C SER A 19 -20.31 -6.78 36.74
N HIS A 20 -19.10 -7.07 37.18
CA HIS A 20 -18.02 -6.11 37.07
C HIS A 20 -17.63 -5.90 35.60
N MET A 21 -17.38 -4.65 35.24
CA MET A 21 -17.03 -4.28 33.88
C MET A 21 -15.83 -3.35 33.93
N ALA A 22 -14.66 -3.91 33.68
CA ALA A 22 -13.42 -3.15 33.56
C ALA A 22 -13.12 -2.99 32.07
N SER A 23 -13.02 -1.75 31.60
CA SER A 23 -12.73 -1.52 30.20
C SER A 23 -11.22 -1.55 29.99
N PRO A 24 -10.67 -2.55 29.33
CA PRO A 24 -9.24 -2.52 28.99
C PRO A 24 -9.00 -1.45 27.93
N GLY A 25 -7.75 -1.05 27.79
CA GLY A 25 -7.43 -0.08 26.78
C GLY A 25 -7.67 -0.63 25.38
N LYS A 26 -7.79 0.29 24.44
CA LYS A 26 -7.92 -0.04 23.03
C LYS A 26 -6.55 -0.06 22.39
N PHE A 27 -6.33 -1.01 21.48
CA PHE A 27 -5.04 -1.22 20.84
C PHE A 27 -5.13 -0.88 19.34
N TYR A 28 -4.18 -0.10 18.85
CA TYR A 28 -4.10 0.27 17.45
C TYR A 28 -2.76 -0.16 16.87
N GLY A 29 -2.81 -0.73 15.67
CA GLY A 29 -1.63 -0.85 14.82
C GLY A 29 -1.72 0.18 13.72
N VAL A 30 -0.67 0.97 13.57
CA VAL A 30 -0.68 2.13 12.69
C VAL A 30 0.51 2.05 11.75
N GLY A 31 0.25 1.80 10.47
CA GLY A 31 1.27 2.02 9.46
C GLY A 31 1.41 3.50 9.20
N ILE A 32 2.65 3.98 9.23
CA ILE A 32 2.92 5.42 9.11
C ILE A 32 3.62 5.77 7.81
N GLY A 33 3.83 4.81 6.91
CA GLY A 33 4.45 5.09 5.64
C GLY A 33 5.95 4.92 5.65
N PRO A 34 6.59 5.24 4.52
CA PRO A 34 8.04 5.00 4.41
C PRO A 34 8.88 5.91 5.29
N GLY A 35 8.32 6.98 5.85
CA GLY A 35 9.09 7.85 6.71
C GLY A 35 8.77 9.32 6.56
N ASN A 36 8.36 9.76 5.38
CA ASN A 36 7.91 11.13 5.21
C ASN A 36 6.67 11.35 6.07
N PRO A 37 6.67 12.31 7.00
CA PRO A 37 5.48 12.53 7.84
C PRO A 37 4.26 12.97 7.07
N GLU A 38 4.45 13.47 5.85
CA GLU A 38 3.33 13.86 4.99
C GLU A 38 2.57 12.65 4.44
N TYR A 39 3.15 11.45 4.53
CA TYR A 39 2.50 10.26 3.99
C TYR A 39 1.71 9.50 5.03
N LEU A 40 1.61 10.02 6.26
CA LEU A 40 0.65 9.47 7.20
C LEU A 40 -0.77 9.71 6.70
N THR A 41 -1.68 8.81 7.06
CA THR A 41 -3.08 9.06 6.77
C THR A 41 -3.68 9.92 7.86
N LEU A 42 -4.83 10.53 7.53
CA LEU A 42 -5.59 11.28 8.52
C LEU A 42 -5.97 10.38 9.70
N LYS A 43 -6.33 9.13 9.42
CA LYS A 43 -6.68 8.19 10.45
C LYS A 43 -5.52 7.94 11.41
N ALA A 44 -4.31 7.80 10.88
CA ALA A 44 -3.13 7.63 11.73
C ALA A 44 -2.94 8.80 12.67
N VAL A 45 -3.09 10.02 12.15
CA VAL A 45 -2.94 11.22 12.96
C VAL A 45 -4.00 11.25 14.06
N ASN A 46 -5.24 10.92 13.70
CA ASN A 46 -6.30 10.91 14.71
CA ASN A 46 -6.32 10.89 14.70
C ASN A 46 -6.02 9.88 15.79
N VAL A 47 -5.53 8.70 15.41
CA VAL A 47 -5.22 7.66 16.39
C VAL A 47 -4.12 8.15 17.34
N PHE A 48 -3.04 8.69 16.78
CA PHE A 48 -1.93 9.14 17.62
C PHE A 48 -2.36 10.26 18.55
N ARG A 49 -3.32 11.08 18.13
CA ARG A 49 -3.87 12.10 19.02
C ARG A 49 -4.89 11.54 19.99
N SER A 50 -5.30 10.28 19.83
CA SER A 50 -6.33 9.69 20.68
C SER A 50 -5.81 8.60 21.64
N VAL A 51 -4.51 8.34 21.71
CA VAL A 51 -4.01 7.27 22.58
C VAL A 51 -3.20 7.84 23.74
N ASP A 52 -3.01 6.98 24.76
CA ASP A 52 -2.18 7.27 25.93
C ASP A 52 -0.72 6.92 25.70
N VAL A 53 -0.44 5.84 24.99
CA VAL A 53 0.90 5.33 24.80
C VAL A 53 1.11 5.00 23.32
N VAL A 54 2.26 5.41 22.79
CA VAL A 54 2.69 5.01 21.46
C VAL A 54 3.94 4.16 21.62
N PHE A 55 3.88 2.94 21.12
CA PHE A 55 5.04 2.06 21.06
C PHE A 55 5.67 2.18 19.68
N THR A 56 6.99 2.22 19.64
CA THR A 56 7.74 2.18 18.37
C THR A 56 8.88 1.19 18.50
N VAL A 57 9.41 0.79 17.36
CA VAL A 57 10.44 -0.25 17.28
C VAL A 57 11.82 0.41 17.25
N THR A 58 12.73 -0.12 18.05
CA THR A 58 14.14 0.22 17.98
C THR A 58 14.95 -1.07 17.82
N GLY A 59 16.20 -0.91 17.40
CA GLY A 59 17.12 -2.02 17.38
C GLY A 59 17.94 -2.07 18.66
N PRO A 60 18.69 -3.14 18.86
CA PRO A 60 19.56 -3.23 20.04
C PRO A 60 20.74 -2.26 19.99
N ASN A 61 21.07 -1.73 18.80
CA ASN A 61 22.25 -0.90 18.63
C ASN A 61 22.05 0.47 19.27
N SER A 62 21.01 1.20 18.85
CA SER A 62 20.71 2.50 19.41
C SER A 62 19.25 2.53 19.86
N ASP A 63 18.96 3.39 20.83
CA ASP A 63 17.61 3.60 21.31
C ASP A 63 16.87 4.66 20.50
N PHE A 64 17.33 4.95 19.29
CA PHE A 64 16.69 5.94 18.45
C PHE A 64 15.60 5.28 17.62
N SER A 65 14.44 5.93 17.58
CA SER A 65 13.28 5.46 16.82
C SER A 65 12.98 6.52 15.76
N ILE A 66 13.19 6.16 14.49
CA ILE A 66 12.80 7.05 13.39
C ILE A 66 11.31 7.31 13.45
N SER A 67 10.52 6.26 13.65
CA SER A 67 9.07 6.40 13.63
C SER A 67 8.57 7.27 14.77
N GLU A 68 9.28 7.30 15.91
CA GLU A 68 8.89 8.23 16.97
C GLU A 68 9.04 9.67 16.50
N ALA A 69 10.14 10.00 15.82
CA ALA A 69 10.31 11.34 15.28
C ALA A 69 9.22 11.66 14.26
N VAL A 70 8.88 10.70 13.40
CA VAL A 70 7.82 10.92 12.42
C VAL A 70 6.50 11.23 13.11
N VAL A 71 6.16 10.43 14.11
CA VAL A 71 4.87 10.62 14.80
C VAL A 71 4.86 11.95 15.55
N ARG A 72 5.94 12.28 16.23
CA ARG A 72 5.99 13.54 16.95
C ARG A 72 5.93 14.73 16.02
N SER A 73 6.40 14.59 14.78
CA SER A 73 6.41 15.74 13.88
C SER A 73 5.02 16.25 13.55
N VAL A 74 3.99 15.41 13.67
CA VAL A 74 2.67 15.79 13.18
C VAL A 74 1.97 16.78 14.12
N GLY A 75 2.33 16.79 15.40
CA GLY A 75 1.74 17.78 16.30
C GLY A 75 0.44 17.33 16.93
N GLY A 76 0.20 17.83 18.15
CA GLY A 76 -1.00 17.49 18.88
C GLY A 76 -0.96 16.17 19.60
N VAL A 77 0.17 15.47 19.58
CA VAL A 77 0.30 14.16 20.20
C VAL A 77 0.75 14.35 21.63
N LYS A 78 -0.15 14.07 22.58
CA LYS A 78 0.13 14.14 24.01
C LYS A 78 0.51 12.79 24.60
N ALA A 79 0.58 11.74 23.80
CA ALA A 79 0.84 10.42 24.34
C ALA A 79 2.27 10.28 24.83
N GLU A 80 2.45 9.37 25.79
CA GLU A 80 3.78 8.92 26.18
C GLU A 80 4.29 7.90 25.17
N PHE A 81 5.58 8.00 24.84
CA PHE A 81 6.24 7.14 23.87
C PHE A 81 7.12 6.11 24.57
N ARG A 82 6.98 4.84 24.19
CA ARG A 82 7.81 3.78 24.72
C ARG A 82 8.40 2.99 23.58
N LYS A 83 9.57 2.40 23.82
CA LYS A 83 10.31 1.74 22.75
C LYS A 83 10.34 0.24 22.97
N LEU A 84 10.22 -0.50 21.89
CA LEU A 84 10.29 -1.96 21.91
C LEU A 84 11.46 -2.41 21.06
N VAL A 85 12.25 -3.32 21.60
CA VAL A 85 13.43 -3.86 20.93
C VAL A 85 13.05 -5.20 20.33
N PHE A 86 13.45 -5.44 19.09
CA PHE A 86 13.15 -6.71 18.43
C PHE A 86 14.44 -7.36 17.97
N SER A 87 14.56 -8.65 18.28
CA SER A 87 15.70 -9.50 17.94
C SER A 87 15.98 -9.67 16.46
N MET A 88 17.09 -9.10 15.99
CA MET A 88 17.54 -9.25 14.62
C MET A 88 18.49 -10.44 14.46
N SER A 89 18.45 -11.37 15.40
CA SER A 89 19.25 -12.59 15.36
C SER A 89 18.47 -13.70 14.65
N ARG A 90 19.19 -14.75 14.28
CA ARG A 90 18.65 -15.74 13.34
C ARG A 90 17.81 -16.84 13.98
N ASP A 91 17.87 -17.04 15.29
CA ASP A 91 17.10 -18.14 15.86
C ASP A 91 15.64 -17.75 16.02
N ALA A 92 14.75 -18.71 15.74
CA ALA A 92 13.32 -18.47 15.83
C ALA A 92 12.87 -18.35 17.28
N ARG A 93 13.52 -19.08 18.19
CA ARG A 93 13.10 -19.08 19.59
C ARG A 93 13.49 -17.78 20.29
N THR A 94 14.68 -17.24 20.01
CA THR A 94 15.05 -15.96 20.63
C THR A 94 14.16 -14.82 20.12
N ARG A 95 13.92 -14.76 18.80
CA ARG A 95 13.00 -13.76 18.29
C ARG A 95 11.61 -13.95 18.85
N GLN A 96 11.20 -15.21 19.02
CA GLN A 96 9.89 -15.49 19.62
C GLN A 96 9.83 -15.00 21.06
N GLU A 97 10.92 -15.18 21.82
CA GLU A 97 10.96 -14.68 23.19
C GLU A 97 10.86 -13.17 23.21
N GLN A 98 11.54 -12.49 22.29
CA GLN A 98 11.43 -11.04 22.24
C GLN A 98 10.01 -10.60 21.89
N ILE A 99 9.37 -11.30 20.95
CA ILE A 99 7.98 -10.99 20.58
C ILE A 99 7.05 -11.22 21.77
N GLU A 100 7.25 -12.31 22.51
CA GLU A 100 6.43 -12.57 23.68
C GLU A 100 6.62 -11.52 24.76
N LYS A 101 7.86 -11.10 24.99
CA LYS A 101 8.14 -10.08 26.00
C LYS A 101 7.51 -8.75 25.63
N ASN A 102 7.65 -8.33 24.37
CA ASN A 102 7.03 -7.07 23.95
C ASN A 102 5.52 -7.15 24.00
N THR A 103 4.95 -8.30 23.64
CA THR A 103 3.51 -8.49 23.77
C THR A 103 3.07 -8.36 25.22
N ALA A 104 3.86 -8.91 26.14
CA ALA A 104 3.53 -8.81 27.57
C ALA A 104 3.62 -7.36 28.05
N ILE A 105 4.60 -6.60 27.56
CA ILE A 105 4.68 -5.18 27.92
C ILE A 105 3.43 -4.45 27.47
N ILE A 106 3.02 -4.70 26.22
CA ILE A 106 1.80 -4.06 25.70
C ILE A 106 0.58 -4.48 26.50
N GLU A 107 0.46 -5.79 26.80
CA GLU A 107 -0.65 -6.29 27.60
C GLU A 107 -0.69 -5.62 28.96
N GLY A 108 0.48 -5.42 29.57
CA GLY A 108 0.52 -4.73 30.85
C GLY A 108 -0.04 -3.33 30.75
N VAL A 109 0.29 -2.62 29.67
CA VAL A 109 -0.26 -1.27 29.53
C VAL A 109 -1.77 -1.32 29.28
N LEU A 110 -2.22 -2.22 28.40
CA LEU A 110 -3.64 -2.31 28.06
C LEU A 110 -4.49 -2.68 29.27
N SER A 111 -4.02 -3.63 30.09
CA SER A 111 -4.84 -4.14 31.19
C SER A 111 -5.18 -3.07 32.22
N ARG A 112 -4.40 -2.01 32.31
CA ARG A 112 -4.68 -0.88 33.17
C ARG A 112 -5.61 0.13 32.51
N GLY A 113 -6.18 -0.20 31.35
CA GLY A 113 -7.15 0.65 30.71
C GLY A 113 -6.59 1.78 29.87
N LEU A 114 -5.32 1.73 29.51
CA LEU A 114 -4.71 2.77 28.68
C LEU A 114 -4.76 2.36 27.22
N ASP A 115 -5.20 3.28 26.37
CA ASP A 115 -5.17 3.05 24.93
C ASP A 115 -3.75 3.16 24.40
N CYS A 116 -3.39 2.24 23.50
CA CYS A 116 -2.03 2.20 22.95
C CYS A 116 -2.06 2.06 21.44
N ALA A 117 -1.04 2.62 20.81
CA ALA A 117 -0.85 2.50 19.38
C ALA A 117 0.56 1.96 19.15
N PHE A 118 0.66 1.01 18.22
CA PHE A 118 1.93 0.47 17.78
C PHE A 118 2.20 1.08 16.40
N ALA A 119 3.18 1.95 16.31
CA ALA A 119 3.47 2.62 15.05
C ALA A 119 4.55 1.85 14.32
N THR A 120 4.32 1.56 13.04
CA THR A 120 5.29 0.83 12.24
C THR A 120 5.48 1.54 10.90
N LEU A 121 6.72 1.54 10.41
CA LEU A 121 7.00 2.11 9.10
C LEU A 121 6.33 1.27 8.02
N GLY A 122 5.94 1.93 6.93
CA GLY A 122 5.25 1.25 5.86
C GLY A 122 3.79 0.99 6.18
N ASP A 123 3.29 -0.13 5.67
CA ASP A 123 1.95 -0.60 5.99
C ASP A 123 2.00 -1.59 7.13
N ALA A 124 1.00 -1.53 8.02
CA ALA A 124 1.02 -2.33 9.24
C ALA A 124 0.95 -3.83 8.98
N MET A 125 0.37 -4.25 7.84
CA MET A 125 0.13 -5.66 7.58
C MET A 125 1.07 -6.24 6.53
N THR A 126 2.11 -5.51 6.12
CA THR A 126 2.94 -5.87 4.96
C THR A 126 4.41 -5.82 5.39
N TYR A 127 5.01 -7.00 5.58
CA TYR A 127 6.41 -7.14 6.00
C TYR A 127 6.73 -6.30 7.23
N SER A 128 5.95 -6.52 8.28
CA SER A 128 6.08 -5.76 9.51
C SER A 128 6.30 -6.68 10.70
N THR A 129 6.97 -6.16 11.74
CA THR A 129 7.00 -6.87 13.01
C THR A 129 5.69 -6.72 13.77
N PHE A 130 4.83 -5.79 13.36
CA PHE A 130 3.56 -5.59 14.04
C PHE A 130 2.69 -6.84 13.97
N GLY A 131 2.75 -7.57 12.86
CA GLY A 131 1.86 -8.70 12.67
C GLY A 131 2.04 -9.79 13.70
N TYR A 132 3.29 -10.08 14.07
CA TYR A 132 3.55 -11.07 15.12
C TYR A 132 2.96 -10.61 16.45
N ILE A 133 3.11 -9.33 16.77
CA ILE A 133 2.56 -8.78 18.01
C ILE A 133 1.04 -8.91 18.01
N LEU A 134 0.39 -8.48 16.94
CA LEU A 134 -1.07 -8.52 16.86
C LEU A 134 -1.58 -9.95 16.92
N SER A 135 -0.92 -10.85 16.20
CA SER A 135 -1.29 -12.26 16.23
C SER A 135 -1.25 -12.79 17.65
N LEU A 136 -0.13 -12.58 18.35
CA LEU A 136 -0.01 -13.09 19.71
C LEU A 136 -1.01 -12.44 20.66
N LEU A 137 -1.23 -11.13 20.50
CA LEU A 137 -2.19 -10.44 21.36
C LEU A 137 -3.60 -11.00 21.19
N LEU A 138 -4.02 -11.18 19.94
CA LEU A 138 -5.37 -11.68 19.69
C LEU A 138 -5.52 -13.13 20.10
N SER A 139 -4.48 -13.94 19.91
CA SER A 139 -4.52 -15.31 20.38
C SER A 139 -4.66 -15.37 21.90
N ARG A 140 -3.91 -14.54 22.61
CA ARG A 140 -3.95 -14.56 24.07
C ARG A 140 -5.21 -13.90 24.63
N ASN A 141 -5.76 -12.91 23.92
CA ASN A 141 -6.91 -12.12 24.39
C ASN A 141 -7.95 -12.06 23.27
N PRO A 142 -8.77 -13.09 23.13
CA PRO A 142 -9.69 -13.16 21.98
C PRO A 142 -10.67 -11.99 21.89
N GLY A 143 -11.09 -11.43 23.01
CA GLY A 143 -12.05 -10.34 22.96
C GLY A 143 -11.42 -8.96 22.89
N LEU A 144 -10.12 -8.87 22.67
CA LEU A 144 -9.43 -7.58 22.73
C LEU A 144 -9.91 -6.66 21.62
N HIS A 145 -10.15 -5.40 21.97
CA HIS A 145 -10.48 -4.37 20.99
C HIS A 145 -9.20 -3.93 20.28
N ALA A 146 -9.08 -4.30 19.00
CA ALA A 146 -7.90 -3.98 18.20
C ALA A 146 -8.34 -3.48 16.83
N GLU A 147 -7.71 -2.41 16.36
CA GLU A 147 -7.96 -1.85 15.04
C GLU A 147 -6.63 -1.55 14.36
N VAL A 148 -6.57 -1.84 13.05
CA VAL A 148 -5.36 -1.66 12.25
C VAL A 148 -5.57 -0.55 11.24
N VAL A 149 -4.61 0.36 11.16
CA VAL A 149 -4.64 1.49 10.23
C VAL A 149 -3.64 1.23 9.12
N PRO A 150 -4.07 1.10 7.87
CA PRO A 150 -3.11 0.86 6.78
C PRO A 150 -2.28 2.10 6.46
N GLY A 151 -1.12 1.86 5.85
CA GLY A 151 -0.21 2.92 5.50
C GLY A 151 0.26 2.79 4.06
N VAL A 152 0.94 3.84 3.61
CA VAL A 152 1.55 3.87 2.29
C VAL A 152 2.78 2.97 2.27
N THR A 153 2.92 2.17 1.22
CA THR A 153 4.04 1.25 1.11
C THR A 153 5.26 1.93 0.50
N SER A 154 6.42 1.31 0.71
CA SER A 154 7.66 1.83 0.16
C SER A 154 7.71 1.70 -1.36
N PHE A 155 7.16 0.62 -1.93
CA PHE A 155 7.27 0.48 -3.37
C PHE A 155 6.33 1.44 -4.10
N CYS A 156 5.13 1.66 -3.57
CA CYS A 156 4.26 2.70 -4.14
C CYS A 156 4.92 4.07 -4.03
N THR A 157 5.60 4.33 -2.91
CA THR A 157 6.31 5.60 -2.75
C THR A 157 7.44 5.72 -3.76
N LEU A 158 8.18 4.64 -4.00
CA LEU A 158 9.26 4.67 -4.98
C LEU A 158 8.70 4.97 -6.37
N ALA A 159 7.57 4.36 -6.72
CA ALA A 159 6.93 4.66 -7.99
C ALA A 159 6.53 6.13 -8.07
N ALA A 160 5.94 6.67 -6.99
CA ALA A 160 5.51 8.06 -6.98
C ALA A 160 6.70 9.02 -7.14
N ARG A 161 7.75 8.80 -6.35
CA ARG A 161 8.88 9.71 -6.36
C ARG A 161 9.66 9.63 -7.66
N SER A 162 9.75 8.44 -8.28
CA SER A 162 10.42 8.31 -9.56
C SER A 162 9.53 8.68 -10.74
N ARG A 163 8.24 8.90 -10.50
CA ARG A 163 7.26 9.17 -11.55
C ARG A 163 7.24 8.05 -12.59
N GLN A 164 7.44 6.82 -12.12
CA GLN A 164 7.37 5.63 -12.95
C GLN A 164 6.21 4.77 -12.48
N ILE A 165 5.33 4.40 -13.42
CA ILE A 165 4.21 3.52 -13.11
C ILE A 165 4.74 2.22 -12.53
N LEU A 166 4.16 1.80 -11.40
CA LEU A 166 4.53 0.51 -10.83
C LEU A 166 4.01 -0.63 -11.68
N VAL A 167 2.71 -0.61 -11.98
CA VAL A 167 2.04 -1.69 -12.69
C VAL A 167 0.72 -1.14 -13.21
N GLU A 168 0.31 -1.61 -14.39
CA GLU A 168 -0.93 -1.12 -14.97
C GLU A 168 -1.58 -2.22 -15.81
N ASN A 169 -2.87 -2.01 -16.13
CA ASN A 169 -3.71 -2.91 -16.94
C ASN A 169 -3.62 -4.34 -16.41
N GLY A 170 -3.36 -5.34 -17.26
CA GLY A 170 -3.27 -6.74 -16.86
C GLY A 170 -1.88 -7.23 -16.52
N GLU A 171 -0.95 -6.32 -16.26
CA GLU A 171 0.36 -6.71 -15.75
C GLU A 171 0.23 -7.18 -14.31
N ARG A 172 1.01 -8.19 -13.95
CA ARG A 172 0.99 -8.71 -12.58
C ARG A 172 2.12 -8.08 -11.77
N LEU A 173 1.86 -7.92 -10.48
CA LEU A 173 2.83 -7.39 -9.52
C LEU A 173 3.29 -8.52 -8.59
N ARG A 174 4.59 -8.62 -8.40
CA ARG A 174 5.21 -9.56 -7.46
C ARG A 174 6.11 -8.78 -6.51
N VAL A 175 6.08 -9.15 -5.23
CA VAL A 175 6.93 -8.57 -4.22
C VAL A 175 7.71 -9.68 -3.53
N ILE A 176 9.03 -9.53 -3.49
CA ILE A 176 9.93 -10.52 -2.92
C ILE A 176 10.63 -9.86 -1.74
N PRO A 177 10.44 -10.35 -0.52
CA PRO A 177 10.83 -9.58 0.67
C PRO A 177 12.32 -9.49 0.98
N ALA A 178 13.00 -10.63 0.94
CA ALA A 178 14.38 -10.70 1.41
C ALA A 178 15.14 -11.48 0.35
N PHE A 179 15.88 -10.74 -0.47
CA PHE A 179 16.69 -11.37 -1.49
C PHE A 179 17.92 -11.97 -0.84
N LYS A 180 18.22 -13.21 -1.18
CA LYS A 180 19.39 -13.87 -0.66
C LYS A 180 20.39 -14.05 -1.80
N PRO A 181 21.69 -13.99 -1.52
CA PRO A 181 22.65 -14.13 -2.62
C PRO A 181 22.43 -15.41 -3.43
N GLU A 182 22.01 -16.49 -2.78
CA GLU A 182 21.66 -17.71 -3.50
C GLU A 182 20.23 -17.62 -4.04
N MET A 183 19.91 -16.52 -4.71
CA MET A 183 18.62 -16.39 -5.40
C MET A 183 18.70 -15.78 -6.78
N ALA A 184 19.76 -15.03 -7.10
CA ALA A 184 19.83 -14.29 -8.35
C ALA A 184 19.68 -15.22 -9.56
N ASP A 185 20.37 -16.36 -9.54
CA ASP A 185 20.31 -17.27 -10.68
C ASP A 185 18.92 -17.87 -10.83
N SER A 186 18.21 -18.11 -9.73
CA SER A 186 16.89 -18.72 -9.78
C SER A 186 15.78 -17.71 -10.02
N LEU A 187 16.07 -16.42 -9.90
CA LEU A 187 15.04 -15.40 -10.01
C LEU A 187 14.54 -15.31 -11.44
N GLU A 188 13.22 -15.31 -11.62
CA GLU A 188 12.60 -15.19 -12.93
C GLU A 188 11.84 -13.87 -13.03
N PHE A 189 11.83 -13.29 -14.24
CA PHE A 189 11.08 -12.08 -14.54
C PHE A 189 10.11 -12.37 -15.68
N PRO A 190 8.92 -12.87 -15.37
CA PRO A 190 7.97 -13.21 -16.44
C PRO A 190 7.56 -11.98 -17.21
N PRO A 191 7.28 -12.13 -18.51
CA PRO A 191 6.88 -10.98 -19.33
C PRO A 191 5.62 -10.31 -18.82
N GLY A 192 5.57 -8.99 -18.97
CA GLY A 192 4.44 -8.21 -18.49
C GLY A 192 4.26 -8.26 -16.99
N THR A 193 5.37 -8.23 -16.24
CA THR A 193 5.27 -8.21 -14.78
C THR A 193 6.18 -7.14 -14.21
N THR A 194 5.85 -6.72 -13.00
CA THR A 194 6.73 -5.86 -12.20
C THR A 194 7.09 -6.62 -10.93
N THR A 195 8.39 -6.68 -10.64
CA THR A 195 8.90 -7.41 -9.49
C THR A 195 9.60 -6.44 -8.55
N VAL A 196 9.08 -6.31 -7.34
CA VAL A 196 9.67 -5.50 -6.29
C VAL A 196 10.62 -6.37 -5.49
N LEU A 197 11.84 -5.88 -5.31
CA LEU A 197 12.83 -6.49 -4.43
C LEU A 197 13.07 -5.53 -3.28
N MET A 198 12.77 -5.98 -2.06
CA MET A 198 12.63 -5.13 -0.88
C MET A 198 13.95 -4.84 -0.19
N LYS A 199 14.84 -5.82 -0.03
CA LYS A 199 16.08 -5.67 0.73
C LYS A 199 17.24 -6.09 -0.19
N THR A 200 17.83 -5.10 -0.84
CA THR A 200 18.94 -5.24 -1.76
C THR A 200 20.28 -4.85 -1.12
N TYR A 201 20.39 -4.96 0.20
CA TYR A 201 21.56 -4.44 0.89
C TYR A 201 22.86 -5.19 0.61
N ARG A 202 23.00 -6.43 1.07
CA ARG A 202 24.24 -7.18 0.87
C ARG A 202 24.14 -8.25 -0.20
N SER A 203 23.07 -8.26 -0.98
CA SER A 203 22.96 -9.16 -2.11
C SER A 203 22.91 -8.40 -3.44
N ARG A 204 23.21 -7.11 -3.42
CA ARG A 204 23.00 -6.29 -4.61
C ARG A 204 23.96 -6.65 -5.73
N ALA A 205 25.15 -7.15 -5.42
CA ALA A 205 26.11 -7.46 -6.46
C ALA A 205 25.63 -8.62 -7.33
N ARG A 206 25.18 -9.71 -6.71
CA ARG A 206 24.66 -10.84 -7.47
C ARG A 206 23.35 -10.48 -8.15
N LEU A 207 22.51 -9.66 -7.51
CA LEU A 207 21.27 -9.22 -8.12
C LEU A 207 21.54 -8.40 -9.38
N MET A 208 22.51 -7.50 -9.32
CA MET A 208 22.87 -6.71 -10.50
C MET A 208 23.47 -7.59 -11.59
N GLU A 209 24.27 -8.59 -11.21
CA GLU A 209 24.78 -9.52 -12.21
C GLU A 209 23.64 -10.25 -12.91
N ARG A 210 22.64 -10.69 -12.15
CA ARG A 210 21.47 -11.33 -12.75
C ARG A 210 20.69 -10.38 -13.65
N ILE A 211 20.56 -9.12 -13.22
CA ILE A 211 19.80 -8.14 -13.99
C ILE A 211 20.49 -7.81 -15.31
N ARG A 212 21.82 -7.67 -15.29
CA ARG A 212 22.53 -7.31 -16.50
C ARG A 212 22.52 -8.40 -17.57
N ARG A 213 22.11 -9.61 -17.24
CA ARG A 213 21.94 -10.69 -18.21
C ARG A 213 20.48 -10.90 -18.62
N GLU A 214 19.61 -9.94 -18.35
CA GLU A 214 18.21 -10.02 -18.76
C GLU A 214 17.93 -8.95 -19.81
N LYS A 215 16.96 -9.22 -20.68
CA LYS A 215 16.57 -8.29 -21.73
C LYS A 215 15.17 -7.74 -21.50
N ASP A 216 14.88 -6.61 -22.16
CA ASP A 216 13.55 -5.97 -22.11
C ASP A 216 13.09 -5.68 -20.67
N ILE A 217 14.00 -5.13 -19.87
CA ILE A 217 13.71 -4.83 -18.47
C ILE A 217 14.04 -3.38 -18.18
N ARG A 218 13.23 -2.76 -17.33
CA ARG A 218 13.52 -1.45 -16.76
C ARG A 218 13.66 -1.62 -15.26
N VAL A 219 14.60 -0.92 -14.65
CA VAL A 219 14.87 -1.03 -13.23
C VAL A 219 14.73 0.35 -12.60
N ILE A 220 13.94 0.44 -11.54
CA ILE A 220 13.84 1.65 -10.73
C ILE A 220 14.44 1.33 -9.37
N TYR A 221 15.43 2.11 -8.96
CA TYR A 221 16.18 1.85 -7.74
C TYR A 221 16.11 3.08 -6.85
N GLY A 222 15.88 2.84 -5.55
CA GLY A 222 15.79 3.90 -4.58
C GLY A 222 16.46 3.60 -3.25
N GLU A 223 17.09 4.62 -2.65
CA GLU A 223 17.66 4.57 -1.32
C GLU A 223 17.03 5.67 -0.47
N ARG A 224 16.67 5.33 0.76
CA ARG A 224 16.26 6.31 1.77
C ARG A 224 15.09 7.16 1.27
N LEU A 225 13.97 6.48 1.01
CA LEU A 225 12.75 7.15 0.57
C LEU A 225 12.23 8.06 1.67
N GLY A 226 12.09 9.35 1.37
CA GLY A 226 11.59 10.31 2.33
C GLY A 226 12.63 10.91 3.26
N MET A 227 13.90 10.58 3.05
CA MET A 227 15.01 11.04 3.86
C MET A 227 15.82 12.09 3.12
N PRO A 228 16.60 12.91 3.84
CA PRO A 228 17.41 13.95 3.17
C PRO A 228 18.25 13.44 2.02
N ASP A 229 18.94 12.31 2.20
CA ASP A 229 19.77 11.73 1.14
C ASP A 229 19.00 10.70 0.31
N GLU A 230 17.80 11.09 -0.14
CA GLU A 230 16.98 10.22 -0.96
C GLU A 230 17.60 10.10 -2.36
N PHE A 231 18.00 8.90 -2.74
CA PHE A 231 18.62 8.69 -4.04
C PHE A 231 17.74 7.79 -4.91
N ILE A 232 17.45 8.24 -6.12
CA ILE A 232 16.62 7.48 -7.05
C ILE A 232 17.27 7.49 -8.41
N THR A 233 17.26 6.33 -9.09
CA THR A 233 17.82 6.24 -10.43
C THR A 233 17.14 5.12 -11.20
N ASP A 234 17.30 5.17 -12.51
CA ASP A 234 16.91 4.05 -13.38
C ASP A 234 18.06 3.55 -14.22
N ASP A 235 19.30 3.93 -13.89
CA ASP A 235 20.50 3.52 -14.60
C ASP A 235 21.20 2.41 -13.80
N ILE A 236 21.35 1.23 -14.41
CA ILE A 236 21.87 0.07 -13.68
C ILE A 236 23.33 0.28 -13.30
N HIS A 237 24.12 0.93 -14.17
CA HIS A 237 25.54 1.11 -13.89
C HIS A 237 25.75 2.03 -12.71
N VAL A 238 24.94 3.09 -12.61
CA VAL A 238 24.97 3.95 -11.43
C VAL A 238 24.65 3.14 -10.17
N ILE A 239 23.70 2.20 -10.27
CA ILE A 239 23.32 1.37 -9.13
C ILE A 239 24.52 0.55 -8.68
N ASP A 240 25.20 -0.10 -9.62
CA ASP A 240 26.30 -0.98 -9.24
C ASP A 240 27.48 -0.20 -8.67
N ALA A 241 27.65 1.06 -9.10
CA ALA A 241 28.72 1.86 -8.55
C ALA A 241 28.43 2.34 -7.13
N ARG A 242 27.18 2.29 -6.69
CA ARG A 242 26.78 2.89 -5.43
C ARG A 242 27.31 2.11 -4.23
N PRO A 243 27.56 2.78 -3.11
CA PRO A 243 27.80 2.05 -1.86
C PRO A 243 26.55 1.30 -1.43
N GLU A 244 26.75 0.14 -0.82
CA GLU A 244 25.65 -0.71 -0.44
C GLU A 244 24.88 -0.09 0.73
N GLU A 245 23.56 0.00 0.58
CA GLU A 245 22.70 0.73 1.51
C GLU A 245 21.59 -0.18 2.02
N TYR A 246 21.38 -0.19 3.34
CA TYR A 246 20.37 -1.05 3.92
C TYR A 246 18.98 -0.63 3.49
N LEU A 247 18.70 0.67 3.53
CA LEU A 247 17.39 1.19 3.15
C LEU A 247 17.37 1.44 1.63
N SER A 248 17.31 0.34 0.88
CA SER A 248 17.28 0.39 -0.57
C SER A 248 16.21 -0.57 -1.08
N LEU A 249 15.71 -0.26 -2.27
CA LEU A 249 14.56 -0.91 -2.85
C LEU A 249 14.65 -0.83 -4.36
N MET A 250 14.18 -1.85 -5.06
CA MET A 250 14.09 -1.67 -6.50
C MET A 250 12.90 -2.43 -7.05
N PHE A 251 12.42 -2.01 -8.21
CA PHE A 251 11.52 -2.88 -8.94
C PHE A 251 11.93 -2.97 -10.41
N VAL A 252 11.63 -4.15 -10.97
CA VAL A 252 12.08 -4.59 -12.28
C VAL A 252 10.84 -4.84 -13.13
N LYS A 253 10.68 -4.09 -14.20
CA LYS A 253 9.55 -4.21 -15.11
C LYS A 253 10.00 -5.00 -16.34
N LYS A 254 9.38 -6.16 -16.54
CA LYS A 254 9.62 -7.01 -17.69
C LYS A 254 8.47 -6.84 -18.67
N ALA A 255 8.79 -6.34 -19.87
CA ALA A 255 7.82 -6.06 -20.91
C ALA A 255 7.34 -7.33 -21.60
N MET B 21 7.26 36.27 -19.27
CA MET B 21 7.49 34.92 -18.74
C MET B 21 6.23 34.34 -18.10
N ALA B 22 5.56 33.45 -18.81
CA ALA B 22 4.37 32.78 -18.29
C ALA B 22 4.76 31.42 -17.75
N SER B 23 4.56 31.24 -16.44
CA SER B 23 4.83 29.98 -15.77
C SER B 23 3.58 29.11 -15.84
N PRO B 24 3.62 27.96 -16.50
CA PRO B 24 2.47 27.06 -16.47
C PRO B 24 2.25 26.50 -15.08
N GLY B 25 1.03 26.03 -14.85
CA GLY B 25 0.68 25.47 -13.57
C GLY B 25 1.44 24.20 -13.24
N LYS B 26 1.39 23.85 -11.95
CA LYS B 26 1.95 22.61 -11.44
C LYS B 26 0.90 21.51 -11.47
N PHE B 27 1.32 20.29 -11.81
CA PHE B 27 0.43 19.15 -11.98
C PHE B 27 0.70 18.11 -10.90
N TYR B 28 -0.37 17.62 -10.27
CA TYR B 28 -0.26 16.59 -9.24
C TYR B 28 -1.08 15.37 -9.64
N GLY B 29 -0.50 14.19 -9.49
CA GLY B 29 -1.27 12.95 -9.45
C GLY B 29 -1.37 12.48 -8.01
N VAL B 30 -2.61 12.25 -7.56
CA VAL B 30 -2.89 12.01 -6.14
C VAL B 30 -3.68 10.72 -6.00
N GLY B 31 -3.06 9.68 -5.48
CA GLY B 31 -3.82 8.52 -5.02
C GLY B 31 -4.49 8.87 -3.71
N ILE B 32 -5.78 8.56 -3.60
CA ILE B 32 -6.56 8.95 -2.44
C ILE B 32 -6.96 7.76 -1.58
N GLY B 33 -6.52 6.54 -1.92
CA GLY B 33 -6.84 5.39 -1.12
C GLY B 33 -8.13 4.71 -1.56
N PRO B 34 -8.57 3.69 -0.82
CA PRO B 34 -9.73 2.89 -1.26
C PRO B 34 -11.05 3.64 -1.26
N GLY B 35 -11.16 4.78 -0.60
CA GLY B 35 -12.42 5.51 -0.62
C GLY B 35 -12.77 6.16 0.69
N ASN B 36 -12.35 5.56 1.80
CA ASN B 36 -12.56 6.16 3.10
C ASN B 36 -11.80 7.49 3.17
N PRO B 37 -12.46 8.61 3.45
CA PRO B 37 -11.73 9.89 3.52
C PRO B 37 -10.68 9.93 4.62
N GLU B 38 -10.76 9.05 5.62
CA GLU B 38 -9.70 9.01 6.62
C GLU B 38 -8.42 8.40 6.09
N TYR B 39 -8.44 7.73 4.94
CA TYR B 39 -7.25 7.08 4.42
C TYR B 39 -6.49 7.94 3.41
N LEU B 40 -6.94 9.16 3.16
CA LEU B 40 -6.10 10.11 2.45
C LEU B 40 -4.87 10.44 3.28
N THR B 41 -3.76 10.72 2.59
CA THR B 41 -2.57 11.18 3.27
C THR B 41 -2.64 12.68 3.54
N LEU B 42 -1.81 13.14 4.49
CA LEU B 42 -1.72 14.57 4.77
C LEU B 42 -1.30 15.34 3.52
N LYS B 43 -0.36 14.81 2.76
CA LYS B 43 0.08 15.44 1.52
C LYS B 43 -1.07 15.57 0.53
N ALA B 44 -1.88 14.52 0.41
CA ALA B 44 -3.03 14.55 -0.48
C ALA B 44 -3.99 15.68 -0.11
N VAL B 45 -4.29 15.84 1.17
CA VAL B 45 -5.17 16.90 1.64
C VAL B 45 -4.57 18.27 1.35
N ASN B 46 -3.28 18.46 1.63
CA ASN B 46 -2.65 19.76 1.39
C ASN B 46 -2.70 20.12 -0.10
N VAL B 47 -2.39 19.14 -0.96
CA VAL B 47 -2.47 19.36 -2.40
C VAL B 47 -3.89 19.76 -2.81
N PHE B 48 -4.88 19.00 -2.34
CA PHE B 48 -6.27 19.29 -2.71
C PHE B 48 -6.71 20.66 -2.23
N ARG B 49 -6.17 21.13 -1.10
CA ARG B 49 -6.50 22.46 -0.63
C ARG B 49 -5.70 23.56 -1.29
N SER B 50 -4.65 23.24 -2.04
CA SER B 50 -3.83 24.28 -2.65
C SER B 50 -3.92 24.37 -4.17
N VAL B 51 -4.77 23.60 -4.83
CA VAL B 51 -4.82 23.62 -6.28
C VAL B 51 -6.08 24.35 -6.73
N ASP B 52 -6.07 24.78 -7.99
CA ASP B 52 -7.18 25.47 -8.61
C ASP B 52 -8.22 24.52 -9.19
N VAL B 53 -7.80 23.39 -9.74
CA VAL B 53 -8.70 22.46 -10.42
C VAL B 53 -8.38 21.05 -9.95
N VAL B 54 -9.42 20.28 -9.63
CA VAL B 54 -9.28 18.85 -9.35
C VAL B 54 -9.98 18.09 -10.45
N PHE B 55 -9.24 17.20 -11.13
CA PHE B 55 -9.80 16.29 -12.10
C PHE B 55 -10.03 14.92 -11.45
N THR B 56 -11.16 14.31 -11.79
CA THR B 56 -11.47 12.94 -11.39
C THR B 56 -11.99 12.16 -12.59
N VAL B 57 -11.99 10.85 -12.46
CA VAL B 57 -12.32 9.94 -13.56
C VAL B 57 -13.80 9.55 -13.48
N THR B 58 -14.46 9.53 -14.64
CA THR B 58 -15.78 8.94 -14.77
C THR B 58 -15.73 7.85 -15.83
N GLY B 59 -16.75 7.00 -15.82
CA GLY B 59 -16.93 6.01 -16.84
C GLY B 59 -17.83 6.56 -17.93
N PRO B 60 -17.98 5.81 -19.03
CA PRO B 60 -18.91 6.25 -20.08
C PRO B 60 -20.38 6.20 -19.69
N ASN B 61 -20.76 5.47 -18.63
CA ASN B 61 -22.17 5.29 -18.31
C ASN B 61 -22.78 6.56 -17.71
N SER B 62 -22.24 7.02 -16.58
CA SER B 62 -22.73 8.20 -15.88
C SER B 62 -21.56 9.15 -15.61
N ASP B 63 -21.91 10.43 -15.42
CA ASP B 63 -20.93 11.45 -15.08
C ASP B 63 -20.67 11.54 -13.58
N PHE B 64 -20.93 10.47 -12.82
CA PHE B 64 -20.68 10.48 -11.38
C PHE B 64 -19.27 10.00 -11.05
N SER B 65 -18.60 10.72 -10.14
CA SER B 65 -17.26 10.37 -9.68
C SER B 65 -17.28 10.16 -8.16
N ILE B 66 -17.05 8.92 -7.74
CA ILE B 66 -16.92 8.65 -6.30
C ILE B 66 -15.77 9.45 -5.70
N SER B 67 -14.62 9.51 -6.39
CA SER B 67 -13.46 10.19 -5.83
C SER B 67 -13.71 11.69 -5.67
N GLU B 68 -14.56 12.28 -6.51
CA GLU B 68 -14.93 13.68 -6.27
C GLU B 68 -15.66 13.86 -4.94
N ALA B 69 -16.61 12.95 -4.64
CA ALA B 69 -17.28 12.99 -3.36
C ALA B 69 -16.29 12.83 -2.22
N VAL B 70 -15.33 11.90 -2.37
CA VAL B 70 -14.32 11.69 -1.33
C VAL B 70 -13.51 12.96 -1.10
N VAL B 71 -13.03 13.59 -2.17
CA VAL B 71 -12.20 14.78 -2.03
C VAL B 71 -13.00 15.94 -1.44
N ARG B 72 -14.24 16.12 -1.88
CA ARG B 72 -15.07 17.17 -1.32
C ARG B 72 -15.36 16.92 0.16
N SER B 73 -15.32 15.65 0.60
CA SER B 73 -15.63 15.33 1.98
C SER B 73 -14.65 15.94 2.98
N VAL B 74 -13.41 16.21 2.55
CA VAL B 74 -12.37 16.60 3.50
C VAL B 74 -12.51 18.03 4.00
N GLY B 75 -13.15 18.89 3.22
CA GLY B 75 -13.34 20.26 3.69
C GLY B 75 -12.17 21.16 3.35
N GLY B 76 -12.47 22.44 3.14
CA GLY B 76 -11.45 23.41 2.81
C GLY B 76 -11.01 23.44 1.36
N VAL B 77 -11.62 22.64 0.50
CA VAL B 77 -11.23 22.55 -0.91
C VAL B 77 -12.05 23.57 -1.69
N LYS B 78 -11.39 24.61 -2.18
CA LYS B 78 -12.02 25.66 -2.97
C LYS B 78 -11.87 25.45 -4.47
N ALA B 79 -11.24 24.35 -4.88
CA ALA B 79 -10.93 24.13 -6.29
C ALA B 79 -12.19 23.84 -7.09
N GLU B 80 -12.12 24.14 -8.38
CA GLU B 80 -13.13 23.70 -9.32
C GLU B 80 -12.91 22.22 -9.63
N PHE B 81 -14.01 21.48 -9.74
CA PHE B 81 -13.96 20.05 -10.04
C PHE B 81 -14.40 19.82 -11.47
N ARG B 82 -13.60 19.03 -12.21
CA ARG B 82 -13.88 18.69 -13.59
C ARG B 82 -13.79 17.18 -13.74
N LYS B 83 -14.50 16.67 -14.74
CA LYS B 83 -14.59 15.23 -14.96
C LYS B 83 -13.86 14.86 -16.25
N LEU B 84 -13.17 13.73 -16.22
CA LEU B 84 -12.51 13.18 -17.40
C LEU B 84 -13.08 11.79 -17.64
N VAL B 85 -13.44 11.48 -18.88
CA VAL B 85 -14.09 10.21 -19.21
C VAL B 85 -13.04 9.20 -19.65
N PHE B 86 -13.06 8.03 -19.02
CA PHE B 86 -12.19 6.90 -19.34
C PHE B 86 -12.99 5.61 -19.46
N SER B 87 -12.72 4.83 -20.50
CA SER B 87 -13.25 3.48 -20.63
C SER B 87 -12.06 2.63 -21.07
N MET B 88 -11.46 1.89 -20.14
CA MET B 88 -10.19 1.24 -20.41
C MET B 88 -10.33 -0.19 -20.91
N SER B 89 -11.55 -0.64 -21.20
CA SER B 89 -11.77 -1.96 -21.79
C SER B 89 -11.94 -1.90 -23.30
N ARG B 90 -11.90 -0.71 -23.88
CA ARG B 90 -12.28 -0.52 -25.28
C ARG B 90 -11.08 -0.85 -26.18
N ASP B 91 -11.20 -0.52 -27.45
CA ASP B 91 -10.16 -0.75 -28.45
C ASP B 91 -9.07 0.31 -28.32
N ALA B 92 -7.89 -0.01 -28.86
CA ALA B 92 -6.74 0.88 -28.69
C ALA B 92 -6.97 2.26 -29.31
N ARG B 93 -7.74 2.36 -30.39
CA ARG B 93 -7.90 3.69 -31.00
C ARG B 93 -8.80 4.56 -30.15
N THR B 94 -9.88 4.00 -29.61
CA THR B 94 -10.76 4.78 -28.74
C THR B 94 -10.05 5.20 -27.46
N ARG B 95 -9.30 4.27 -26.86
CA ARG B 95 -8.50 4.59 -25.68
C ARG B 95 -7.46 5.66 -25.97
N GLN B 96 -6.79 5.57 -27.13
CA GLN B 96 -5.76 6.55 -27.46
C GLN B 96 -6.35 7.93 -27.66
N GLU B 97 -7.48 8.01 -28.38
CA GLU B 97 -8.13 9.31 -28.58
C GLU B 97 -8.64 9.88 -27.27
N GLN B 98 -9.20 9.03 -26.40
CA GLN B 98 -9.68 9.48 -25.11
C GLN B 98 -8.54 10.02 -24.24
N ILE B 99 -7.40 9.32 -24.26
CA ILE B 99 -6.22 9.78 -23.52
C ILE B 99 -5.72 11.10 -24.07
N GLU B 100 -5.67 11.24 -25.39
CA GLU B 100 -5.21 12.51 -25.98
C GLU B 100 -6.13 13.66 -25.61
N LYS B 101 -7.45 13.43 -25.66
CA LYS B 101 -8.41 14.48 -25.31
C LYS B 101 -8.28 14.90 -23.85
N ASN B 102 -8.19 13.93 -22.93
CA ASN B 102 -8.08 14.29 -21.52
C ASN B 102 -6.77 15.00 -21.23
N THR B 103 -5.67 14.55 -21.86
CA THR B 103 -4.40 15.24 -21.72
C THR B 103 -4.51 16.67 -22.22
N ALA B 104 -5.21 16.88 -23.32
CA ALA B 104 -5.38 18.24 -23.85
C ALA B 104 -6.20 19.11 -22.89
N ILE B 105 -7.22 18.53 -22.26
CA ILE B 105 -8.00 19.29 -21.27
C ILE B 105 -7.11 19.73 -20.10
N ILE B 106 -6.29 18.79 -19.61
CA ILE B 106 -5.39 19.14 -18.51
C ILE B 106 -4.39 20.20 -18.96
N GLU B 107 -3.84 20.06 -20.17
CA GLU B 107 -2.94 21.06 -20.72
C GLU B 107 -3.62 22.41 -20.81
N GLY B 108 -4.90 22.44 -21.18
CA GLY B 108 -5.63 23.70 -21.23
C GLY B 108 -5.68 24.38 -19.88
N VAL B 109 -5.86 23.61 -18.82
CA VAL B 109 -5.86 24.21 -17.49
C VAL B 109 -4.45 24.67 -17.10
N LEU B 110 -3.45 23.82 -17.31
CA LEU B 110 -2.08 24.15 -16.90
C LEU B 110 -1.55 25.37 -17.64
N SER B 111 -1.84 25.49 -18.94
CA SER B 111 -1.26 26.56 -19.75
C SER B 111 -1.75 27.93 -19.31
N ARG B 112 -2.88 28.00 -18.62
CA ARG B 112 -3.34 29.26 -18.08
C ARG B 112 -2.73 29.55 -16.71
N GLY B 113 -1.76 28.75 -16.28
CA GLY B 113 -1.09 29.02 -15.03
C GLY B 113 -1.81 28.53 -13.79
N LEU B 114 -2.79 27.63 -13.95
CA LEU B 114 -3.54 27.07 -12.82
C LEU B 114 -2.96 25.73 -12.41
N ASP B 115 -2.76 25.54 -11.11
CA ASP B 115 -2.37 24.24 -10.59
C ASP B 115 -3.57 23.30 -10.56
N CYS B 116 -3.35 22.05 -10.97
CA CYS B 116 -4.45 21.09 -10.97
C CYS B 116 -3.97 19.75 -10.43
N ALA B 117 -4.91 18.99 -9.90
CA ALA B 117 -4.64 17.65 -9.37
C ALA B 117 -5.53 16.63 -10.05
N PHE B 118 -4.95 15.48 -10.35
CA PHE B 118 -5.67 14.32 -10.86
C PHE B 118 -5.81 13.35 -9.69
N ALA B 119 -7.05 13.19 -9.21
CA ALA B 119 -7.34 12.33 -8.07
C ALA B 119 -7.83 10.97 -8.57
N THR B 120 -7.25 9.91 -8.03
CA THR B 120 -7.62 8.55 -8.38
C THR B 120 -7.76 7.71 -7.11
N LEU B 121 -8.70 6.78 -7.13
CA LEU B 121 -8.83 5.83 -6.02
C LEU B 121 -7.58 4.97 -5.93
N GLY B 122 -7.27 4.53 -4.71
CA GLY B 122 -6.11 3.67 -4.49
C GLY B 122 -4.80 4.44 -4.52
N ASP B 123 -3.76 3.79 -5.04
CA ASP B 123 -2.49 4.44 -5.29
C ASP B 123 -2.41 4.91 -6.74
N ALA B 124 -1.81 6.08 -6.94
CA ALA B 124 -1.80 6.73 -8.26
C ALA B 124 -1.02 5.93 -9.29
N MET B 125 -0.05 5.12 -8.86
CA MET B 125 0.85 4.43 -9.76
C MET B 125 0.56 2.95 -9.91
N THR B 126 -0.56 2.47 -9.35
CA THR B 126 -0.84 1.05 -9.24
C THR B 126 -2.23 0.77 -9.79
N TYR B 127 -2.28 0.19 -10.99
CA TYR B 127 -3.54 -0.14 -11.68
C TYR B 127 -4.47 1.06 -11.74
N SER B 128 -3.95 2.17 -12.26
CA SER B 128 -4.72 3.39 -12.35
C SER B 128 -4.70 3.88 -13.79
N THR B 129 -5.73 4.66 -14.15
CA THR B 129 -5.70 5.36 -15.41
C THR B 129 -4.75 6.56 -15.41
N PHE B 130 -4.25 6.96 -14.23
CA PHE B 130 -3.40 8.15 -14.16
C PHE B 130 -2.11 8.00 -14.96
N GLY B 131 -1.56 6.79 -14.99
CA GLY B 131 -0.27 6.60 -15.65
C GLY B 131 -0.28 6.93 -17.13
N TYR B 132 -1.37 6.58 -17.82
CA TYR B 132 -1.48 6.91 -19.24
C TYR B 132 -1.48 8.41 -19.46
N ILE B 133 -2.21 9.14 -18.62
CA ILE B 133 -2.25 10.59 -18.70
C ILE B 133 -0.88 11.18 -18.45
N LEU B 134 -0.22 10.71 -17.39
CA LEU B 134 1.09 11.25 -17.03
C LEU B 134 2.10 10.98 -18.14
N SER B 135 2.08 9.77 -18.71
CA SER B 135 2.97 9.45 -19.82
C SER B 135 2.77 10.41 -20.98
N LEU B 136 1.53 10.57 -21.45
CA LEU B 136 1.32 11.44 -22.60
C LEU B 136 1.64 12.90 -22.26
N LEU B 137 1.27 13.33 -21.06
CA LEU B 137 1.51 14.70 -20.62
C LEU B 137 3.01 15.01 -20.59
N LEU B 138 3.80 14.09 -20.04
CA LEU B 138 5.24 14.31 -19.98
C LEU B 138 5.88 14.22 -21.36
N SER B 139 5.37 13.35 -22.24
CA SER B 139 5.88 13.29 -23.60
C SER B 139 5.66 14.62 -24.32
N ARG B 140 4.46 15.17 -24.21
CA ARG B 140 4.14 16.43 -24.88
C ARG B 140 4.76 17.63 -24.18
N ASN B 141 5.00 17.54 -22.88
CA ASN B 141 5.53 18.65 -22.09
C ASN B 141 6.67 18.14 -21.22
N PRO B 142 7.87 17.98 -21.79
CA PRO B 142 8.97 17.40 -21.01
C PRO B 142 9.35 18.21 -19.78
N GLY B 143 9.16 19.53 -19.81
CA GLY B 143 9.52 20.38 -18.70
C GLY B 143 8.45 20.59 -17.65
N LEU B 144 7.35 19.84 -17.70
CA LEU B 144 6.24 20.06 -16.78
C LEU B 144 6.64 19.76 -15.34
N HIS B 145 6.25 20.64 -14.43
CA HIS B 145 6.40 20.39 -13.01
C HIS B 145 5.28 19.44 -12.59
N ALA B 146 5.64 18.20 -12.28
CA ALA B 146 4.67 17.17 -11.93
C ALA B 146 5.15 16.43 -10.70
N GLU B 147 4.24 16.22 -9.75
CA GLU B 147 4.53 15.48 -8.53
C GLU B 147 3.42 14.47 -8.29
N VAL B 148 3.79 13.26 -7.90
CA VAL B 148 2.85 12.17 -7.67
C VAL B 148 2.81 11.88 -6.19
N VAL B 149 1.61 11.79 -5.63
CA VAL B 149 1.39 11.53 -4.21
C VAL B 149 0.91 10.09 -4.07
N PRO B 150 1.63 9.23 -3.36
CA PRO B 150 1.19 7.85 -3.23
C PRO B 150 0.00 7.73 -2.28
N GLY B 151 -0.74 6.63 -2.45
CA GLY B 151 -1.91 6.38 -1.64
C GLY B 151 -1.92 4.96 -1.09
N VAL B 152 -2.85 4.73 -0.17
CA VAL B 152 -3.06 3.42 0.43
C VAL B 152 -3.78 2.52 -0.56
N THR B 153 -3.34 1.27 -0.66
CA THR B 153 -3.92 0.33 -1.62
C THR B 153 -5.13 -0.37 -1.04
N SER B 154 -5.94 -0.94 -1.93
CA SER B 154 -7.13 -1.67 -1.50
C SER B 154 -6.76 -2.97 -0.80
N PHE B 155 -5.70 -3.65 -1.26
CA PHE B 155 -5.40 -4.93 -0.60
C PHE B 155 -4.78 -4.73 0.79
N CYS B 156 -3.94 -3.70 0.95
CA CYS B 156 -3.45 -3.36 2.29
C CYS B 156 -4.61 -3.01 3.22
N THR B 157 -5.60 -2.28 2.69
CA THR B 157 -6.78 -1.92 3.47
C THR B 157 -7.60 -3.15 3.84
N LEU B 158 -7.77 -4.11 2.92
CA LEU B 158 -8.51 -5.32 3.25
C LEU B 158 -7.81 -6.09 4.36
N ALA B 159 -6.48 -6.20 4.28
CA ALA B 159 -5.74 -6.84 5.37
C ALA B 159 -5.92 -6.11 6.69
N ALA B 160 -5.87 -4.76 6.66
CA ALA B 160 -6.06 -4.00 7.89
C ALA B 160 -7.44 -4.22 8.49
N ARG B 161 -8.49 -4.11 7.67
CA ARG B 161 -9.85 -4.21 8.19
C ARG B 161 -10.18 -5.63 8.66
N SER B 162 -9.62 -6.64 8.01
CA SER B 162 -9.84 -8.00 8.47
C SER B 162 -8.94 -8.41 9.63
N ARG B 163 -7.95 -7.59 9.98
CA ARG B 163 -6.95 -7.93 11.00
C ARG B 163 -6.20 -9.22 10.66
N GLN B 164 -5.97 -9.43 9.36
CA GLN B 164 -5.20 -10.55 8.85
C GLN B 164 -3.95 -10.02 8.17
N ILE B 165 -2.79 -10.57 8.56
CA ILE B 165 -1.53 -10.17 7.93
C ILE B 165 -1.60 -10.44 6.43
N LEU B 166 -1.20 -9.45 5.63
CA LEU B 166 -1.11 -9.68 4.19
C LEU B 166 0.04 -10.61 3.86
N VAL B 167 1.23 -10.30 4.34
CA VAL B 167 2.44 -11.03 3.98
C VAL B 167 3.50 -10.68 5.01
N GLU B 168 4.35 -11.66 5.35
CA GLU B 168 5.35 -11.46 6.39
C GLU B 168 6.56 -12.34 6.12
N ASN B 169 7.66 -12.04 6.81
CA ASN B 169 8.94 -12.76 6.76
C ASN B 169 9.36 -12.93 5.30
N GLY B 170 9.70 -14.14 4.84
CA GLY B 170 10.10 -14.37 3.46
C GLY B 170 8.99 -14.80 2.53
N GLU B 171 7.73 -14.59 2.93
CA GLU B 171 6.60 -14.89 2.04
C GLU B 171 6.57 -13.91 0.89
N ARG B 172 6.20 -14.40 -0.29
CA ARG B 172 6.09 -13.56 -1.49
C ARG B 172 4.66 -13.10 -1.69
N LEU B 173 4.53 -11.89 -2.24
CA LEU B 173 3.24 -11.31 -2.59
C LEU B 173 3.10 -11.27 -4.09
N ARG B 174 1.96 -11.72 -4.59
CA ARG B 174 1.62 -11.65 -6.01
C ARG B 174 0.28 -10.94 -6.10
N VAL B 175 0.13 -10.03 -7.05
CA VAL B 175 -1.14 -9.35 -7.28
C VAL B 175 -1.54 -9.61 -8.72
N ILE B 176 -2.78 -10.06 -8.92
CA ILE B 176 -3.31 -10.40 -10.23
C ILE B 176 -4.47 -9.45 -10.52
N PRO B 177 -4.38 -8.61 -11.56
CA PRO B 177 -5.38 -7.56 -11.72
C PRO B 177 -6.74 -8.07 -12.15
N ALA B 178 -6.79 -9.05 -13.05
CA ALA B 178 -8.07 -9.52 -13.60
C ALA B 178 -8.07 -11.04 -13.62
N PHE B 179 -8.86 -11.66 -12.73
CA PHE B 179 -8.98 -13.11 -12.75
C PHE B 179 -9.90 -13.55 -13.88
N LYS B 180 -9.44 -14.54 -14.65
CA LYS B 180 -10.21 -15.15 -15.72
C LYS B 180 -10.46 -16.62 -15.38
N PRO B 181 -11.62 -17.16 -15.80
CA PRO B 181 -11.96 -18.55 -15.43
C PRO B 181 -10.90 -19.57 -15.82
N GLU B 182 -10.17 -19.33 -16.91
CA GLU B 182 -9.14 -20.27 -17.34
C GLU B 182 -7.92 -20.25 -16.43
N MET B 183 -7.70 -19.15 -15.72
CA MET B 183 -6.62 -19.12 -14.75
C MET B 183 -6.81 -20.16 -13.66
N ALA B 184 -8.05 -20.60 -13.42
CA ALA B 184 -8.31 -21.53 -12.32
C ALA B 184 -7.50 -22.80 -12.47
N ASP B 185 -7.49 -23.37 -13.67
CA ASP B 185 -6.69 -24.58 -13.90
C ASP B 185 -5.20 -24.27 -13.91
N SER B 186 -4.80 -23.11 -14.45
CA SER B 186 -3.40 -22.76 -14.60
C SER B 186 -2.80 -22.06 -13.39
N LEU B 187 -3.62 -21.55 -12.48
CA LEU B 187 -3.11 -20.78 -11.35
C LEU B 187 -2.40 -21.66 -10.33
N GLU B 188 -1.23 -21.21 -9.88
CA GLU B 188 -0.51 -21.86 -8.81
C GLU B 188 -0.56 -21.02 -7.55
N PHE B 189 -0.66 -21.69 -6.40
CA PHE B 189 -0.59 -21.06 -5.09
C PHE B 189 0.58 -21.71 -4.37
N PRO B 190 1.81 -21.24 -4.64
CA PRO B 190 2.97 -21.87 -4.02
C PRO B 190 2.93 -21.67 -2.51
N PRO B 191 3.45 -22.63 -1.76
CA PRO B 191 3.47 -22.48 -0.29
C PRO B 191 4.24 -21.22 0.09
N GLY B 192 3.78 -20.59 1.17
CA GLY B 192 4.35 -19.33 1.60
C GLY B 192 4.15 -18.19 0.63
N THR B 193 2.97 -18.08 0.03
CA THR B 193 2.69 -16.93 -0.82
C THR B 193 1.33 -16.35 -0.50
N THR B 194 1.16 -15.08 -0.80
CA THR B 194 -0.13 -14.41 -0.74
C THR B 194 -0.44 -13.89 -2.13
N THR B 195 -1.62 -14.22 -2.64
CA THR B 195 -2.06 -13.85 -3.97
C THR B 195 -3.29 -12.97 -3.85
N VAL B 196 -3.19 -11.73 -4.28
CA VAL B 196 -4.33 -10.83 -4.32
C VAL B 196 -5.01 -10.99 -5.67
N LEU B 197 -6.33 -11.21 -5.64
CA LEU B 197 -7.15 -11.26 -6.84
C LEU B 197 -8.11 -10.07 -6.80
N MET B 198 -7.99 -9.19 -7.79
CA MET B 198 -8.59 -7.87 -7.78
C MET B 198 -10.03 -7.86 -8.29
N LYS B 199 -10.29 -8.56 -9.40
CA LYS B 199 -11.61 -8.57 -10.04
C LYS B 199 -12.01 -10.01 -10.28
N THR B 200 -12.72 -10.62 -9.34
CA THR B 200 -13.17 -11.99 -9.54
C THR B 200 -14.64 -12.05 -9.91
N TYR B 201 -15.20 -10.94 -10.37
CA TYR B 201 -16.63 -10.89 -10.66
C TYR B 201 -16.91 -11.72 -11.90
N ARG B 202 -17.92 -12.58 -11.81
CA ARG B 202 -18.40 -13.47 -12.86
C ARG B 202 -17.47 -14.65 -13.14
N SER B 203 -16.37 -14.79 -12.40
CA SER B 203 -15.55 -15.99 -12.45
C SER B 203 -15.34 -16.59 -11.07
N ARG B 204 -16.10 -16.15 -10.06
CA ARG B 204 -15.78 -16.52 -8.69
C ARG B 204 -16.04 -18.00 -8.41
N ALA B 205 -17.00 -18.62 -9.09
CA ALA B 205 -17.31 -20.02 -8.84
C ALA B 205 -16.14 -20.94 -9.18
N ARG B 206 -15.52 -20.73 -10.34
CA ARG B 206 -14.37 -21.55 -10.74
C ARG B 206 -13.18 -21.31 -9.82
N LEU B 207 -12.98 -20.06 -9.40
CA LEU B 207 -11.93 -19.76 -8.44
C LEU B 207 -12.16 -20.48 -7.11
N MET B 208 -13.40 -20.47 -6.62
CA MET B 208 -13.69 -21.17 -5.37
C MET B 208 -13.50 -22.67 -5.52
N GLU B 209 -13.89 -23.24 -6.67
CA GLU B 209 -13.64 -24.66 -6.91
C GLU B 209 -12.16 -24.95 -6.90
N ARG B 210 -11.35 -24.06 -7.49
CA ARG B 210 -9.91 -24.23 -7.47
C ARG B 210 -9.37 -24.17 -6.04
N ILE B 211 -9.94 -23.27 -5.23
CA ILE B 211 -9.47 -23.12 -3.85
C ILE B 211 -9.80 -24.39 -3.04
N ARG B 212 -10.97 -24.97 -3.28
CA ARG B 212 -11.38 -26.16 -2.52
C ARG B 212 -10.54 -27.39 -2.85
N ARG B 213 -9.68 -27.34 -3.86
CA ARG B 213 -8.78 -28.45 -4.16
C ARG B 213 -7.42 -28.27 -3.52
N GLU B 214 -7.28 -27.32 -2.59
CA GLU B 214 -6.06 -27.10 -1.84
C GLU B 214 -6.31 -27.28 -0.36
N LYS B 215 -5.26 -27.64 0.36
CA LYS B 215 -5.25 -27.61 1.82
C LYS B 215 -4.25 -26.56 2.29
N ASP B 216 -4.36 -26.22 3.57
CA ASP B 216 -3.49 -25.24 4.21
C ASP B 216 -3.54 -23.91 3.45
N ILE B 217 -4.77 -23.48 3.16
CA ILE B 217 -5.03 -22.28 2.39
C ILE B 217 -6.02 -21.42 3.16
N ARG B 218 -5.80 -20.11 3.17
CA ARG B 218 -6.69 -19.16 3.79
C ARG B 218 -7.15 -18.15 2.75
N VAL B 219 -8.42 -17.77 2.82
CA VAL B 219 -8.98 -16.81 1.88
C VAL B 219 -9.58 -15.67 2.69
N ILE B 220 -9.16 -14.43 2.38
CA ILE B 220 -9.76 -13.24 2.97
C ILE B 220 -10.52 -12.54 1.86
N TYR B 221 -11.81 -12.34 2.06
CA TYR B 221 -12.71 -11.82 1.05
C TYR B 221 -13.41 -10.58 1.60
N GLY B 222 -13.48 -9.53 0.78
CA GLY B 222 -14.13 -8.31 1.20
C GLY B 222 -14.96 -7.68 0.10
N GLU B 223 -16.14 -7.20 0.47
CA GLU B 223 -17.03 -6.46 -0.40
C GLU B 223 -17.28 -5.09 0.20
N ARG B 224 -17.18 -4.06 -0.64
CA ARG B 224 -17.60 -2.70 -0.29
C ARG B 224 -16.87 -2.18 0.94
N LEU B 225 -15.55 -2.06 0.81
CA LEU B 225 -14.75 -1.50 1.90
C LEU B 225 -15.15 -0.05 2.12
N GLY B 226 -15.65 0.25 3.33
CA GLY B 226 -16.07 1.59 3.68
C GLY B 226 -17.50 1.94 3.30
N MET B 227 -18.26 1.01 2.77
CA MET B 227 -19.63 1.23 2.32
C MET B 227 -20.62 0.66 3.33
N PRO B 228 -21.90 1.10 3.27
CA PRO B 228 -22.87 0.63 4.28
C PRO B 228 -22.88 -0.88 4.49
N ASP B 229 -22.84 -1.65 3.40
CA ASP B 229 -22.80 -3.11 3.48
C ASP B 229 -21.36 -3.61 3.44
N GLU B 230 -20.54 -3.08 4.35
CA GLU B 230 -19.13 -3.49 4.42
C GLU B 230 -19.07 -4.93 4.91
N PHE B 231 -18.74 -5.86 4.01
CA PHE B 231 -18.75 -7.28 4.35
C PHE B 231 -17.36 -7.88 4.21
N ILE B 232 -16.90 -8.58 5.25
CA ILE B 232 -15.61 -9.24 5.23
C ILE B 232 -15.79 -10.63 5.82
N THR B 233 -15.13 -11.62 5.22
CA THR B 233 -15.20 -12.98 5.75
C THR B 233 -13.95 -13.75 5.36
N ASP B 234 -13.72 -14.85 6.09
CA ASP B 234 -12.70 -15.82 5.71
C ASP B 234 -13.26 -17.23 5.57
N ASP B 235 -14.58 -17.38 5.52
CA ASP B 235 -15.22 -18.68 5.43
C ASP B 235 -15.55 -18.94 3.97
N ILE B 236 -14.93 -19.99 3.42
CA ILE B 236 -15.00 -20.25 1.98
C ILE B 236 -16.42 -20.57 1.54
N HIS B 237 -17.16 -21.33 2.36
CA HIS B 237 -18.53 -21.69 2.03
C HIS B 237 -19.45 -20.48 2.06
N VAL B 238 -19.25 -19.58 3.04
CA VAL B 238 -19.99 -18.33 3.05
C VAL B 238 -19.70 -17.53 1.79
N ILE B 239 -18.44 -17.52 1.34
CA ILE B 239 -18.08 -16.81 0.11
C ILE B 239 -18.82 -17.42 -1.08
N ASP B 240 -18.80 -18.75 -1.17
CA ASP B 240 -19.41 -19.43 -2.31
C ASP B 240 -20.92 -19.24 -2.33
N ALA B 241 -21.54 -19.12 -1.15
CA ALA B 241 -23.00 -18.94 -1.09
C ALA B 241 -23.45 -17.52 -1.44
N ARG B 242 -22.58 -16.53 -1.33
CA ARG B 242 -23.05 -15.17 -1.55
C ARG B 242 -23.23 -14.88 -3.04
N PRO B 243 -24.15 -13.98 -3.38
CA PRO B 243 -24.23 -13.50 -4.77
C PRO B 243 -22.96 -12.76 -5.16
N GLU B 244 -22.59 -12.90 -6.43
CA GLU B 244 -21.38 -12.26 -6.92
C GLU B 244 -21.55 -10.74 -6.97
N GLU B 245 -20.55 -10.04 -6.46
CA GLU B 245 -20.56 -8.58 -6.32
C GLU B 245 -19.37 -8.02 -7.05
N TYR B 246 -19.59 -6.98 -7.85
CA TYR B 246 -18.51 -6.43 -8.66
C TYR B 246 -17.42 -5.81 -7.79
N LEU B 247 -17.80 -5.04 -6.77
CA LEU B 247 -16.82 -4.39 -5.89
C LEU B 247 -16.43 -5.34 -4.76
N SER B 248 -15.63 -6.34 -5.13
CA SER B 248 -15.12 -7.32 -4.18
C SER B 248 -13.65 -7.57 -4.46
N LEU B 249 -12.96 -8.07 -3.43
CA LEU B 249 -11.50 -8.22 -3.49
C LEU B 249 -11.15 -9.41 -2.62
N MET B 250 -10.15 -10.20 -3.02
CA MET B 250 -9.77 -11.24 -2.09
C MET B 250 -8.27 -11.48 -2.15
N PHE B 251 -7.72 -12.03 -1.08
CA PHE B 251 -6.39 -12.58 -1.19
C PHE B 251 -6.35 -13.98 -0.59
N VAL B 252 -5.41 -14.76 -1.13
CA VAL B 252 -5.28 -16.19 -0.89
C VAL B 252 -3.89 -16.43 -0.31
N LYS B 253 -3.83 -16.91 0.93
CA LYS B 253 -2.57 -17.20 1.58
C LYS B 253 -2.35 -18.71 1.59
N LYS B 254 -1.28 -19.15 0.94
CA LYS B 254 -0.88 -20.56 0.93
C LYS B 254 0.31 -20.72 1.86
N ALA B 255 0.11 -21.53 2.91
CA ALA B 255 1.13 -21.82 3.90
C ALA B 255 2.15 -22.79 3.32
#